data_1I7N
#
_entry.id   1I7N
#
_cell.length_a   120.412
_cell.length_b   120.412
_cell.length_c   165.456
_cell.angle_alpha   90.00
_cell.angle_beta   90.00
_cell.angle_gamma   120.00
#
_symmetry.space_group_name_H-M   'P 63 2 2'
#
loop_
_entity.id
_entity.type
_entity.pdbx_description
1 polymer 'SYNAPSIN II'
2 water water
#
_entity_poly.entity_id   1
_entity_poly.type   'polypeptide(L)'
_entity_poly.pdbx_seq_one_letter_code
;KAKVLLVVDEPHTDWAKCFRGKKILGDYDIKVEQAEFSELNLVAHADGTYAVDMQVLRNGTKVVRSFRPDFVLIRQHAFG
MAENEDFRHLVIGMQYAGLPSINSLESIYNFCDKPWVFAQMVAIFKTLGGEKFPLIEQTYYPNHREMLTLPTFPVVVKIG
HAHSGMGKVKVENHYDFQDIASVVALTQTYATAEPFIDAKYDIRVQKIGNNYKAYMRTSISGNWKTNTGSAMLEQIAMSD
RYKLWVDACSEMFGGLDICAVKAVHGKDGKDYIFEVMDCSMPLIGEHQVEDRQLITDLVISKMNQLLSR
;
_entity_poly.pdbx_strand_id   A,B
#
# COMPACT_ATOMS: atom_id res chain seq x y z
N LYS A 1 -28.96 -22.60 -5.75
CA LYS A 1 -27.63 -22.65 -5.06
C LYS A 1 -26.48 -22.28 -6.01
N ALA A 2 -25.90 -21.11 -5.79
CA ALA A 2 -24.78 -20.70 -6.65
C ALA A 2 -23.96 -19.66 -5.89
N LYS A 3 -22.68 -19.60 -6.18
CA LYS A 3 -21.78 -18.59 -5.59
C LYS A 3 -21.47 -17.65 -6.79
N VAL A 4 -21.32 -16.34 -6.53
CA VAL A 4 -21.05 -15.39 -7.61
C VAL A 4 -19.55 -15.04 -7.64
N LEU A 5 -18.98 -15.20 -8.82
CA LEU A 5 -17.60 -14.87 -9.09
C LEU A 5 -17.59 -13.63 -9.96
N LEU A 6 -16.96 -12.57 -9.44
CA LEU A 6 -16.80 -11.35 -10.22
C LEU A 6 -15.45 -11.53 -10.92
N VAL A 7 -15.36 -11.31 -12.25
CA VAL A 7 -14.08 -11.38 -12.92
C VAL A 7 -13.94 -9.97 -13.54
N VAL A 8 -12.83 -9.31 -13.25
CA VAL A 8 -12.61 -7.98 -13.77
C VAL A 8 -11.65 -8.20 -14.92
N ASP A 9 -12.19 -8.12 -16.14
CA ASP A 9 -11.38 -8.33 -17.32
C ASP A 9 -12.13 -7.76 -18.53
N GLU A 10 -11.37 -7.52 -19.60
CA GLU A 10 -11.96 -7.03 -20.84
C GLU A 10 -12.89 -8.08 -21.45
N PRO A 11 -13.89 -7.62 -22.24
CA PRO A 11 -14.91 -8.41 -22.94
C PRO A 11 -14.51 -9.51 -23.95
N HIS A 12 -13.34 -9.38 -24.58
CA HIS A 12 -12.92 -10.40 -25.54
C HIS A 12 -12.68 -11.77 -24.90
N THR A 13 -12.29 -11.79 -23.62
CA THR A 13 -12.08 -13.07 -22.94
C THR A 13 -13.41 -13.39 -22.26
N ASP A 14 -13.99 -14.52 -22.65
CA ASP A 14 -15.26 -14.91 -22.09
C ASP A 14 -15.07 -15.90 -20.95
N TRP A 15 -14.82 -15.37 -19.73
CA TRP A 15 -14.57 -16.26 -18.59
C TRP A 15 -15.74 -17.15 -18.24
N ALA A 16 -16.96 -16.69 -18.47
CA ALA A 16 -18.11 -17.54 -18.17
C ALA A 16 -17.97 -18.90 -18.89
N LYS A 17 -17.32 -18.93 -20.05
CA LYS A 17 -17.15 -20.19 -20.77
C LYS A 17 -16.17 -21.11 -20.03
N CYS A 18 -15.12 -20.53 -19.44
CA CYS A 18 -14.18 -21.32 -18.70
C CYS A 18 -14.83 -21.99 -17.49
N PHE A 19 -15.79 -21.31 -16.85
CA PHE A 19 -16.44 -21.85 -15.65
C PHE A 19 -17.76 -22.62 -15.85
N ARG A 20 -18.22 -22.69 -17.10
CA ARG A 20 -19.49 -23.35 -17.33
C ARG A 20 -19.45 -24.79 -16.87
N GLY A 21 -20.50 -25.18 -16.16
CA GLY A 21 -20.64 -26.53 -15.65
C GLY A 21 -19.79 -26.92 -14.47
N LYS A 22 -18.95 -26.01 -13.98
CA LYS A 22 -18.10 -26.35 -12.84
C LYS A 22 -18.89 -26.13 -11.53
N LYS A 23 -18.62 -26.96 -10.55
CA LYS A 23 -19.30 -26.86 -9.25
C LYS A 23 -18.31 -26.54 -8.13
N ILE A 24 -18.79 -25.95 -7.05
CA ILE A 24 -17.96 -25.67 -5.87
C ILE A 24 -18.75 -26.12 -4.62
N LEU A 25 -18.01 -26.49 -3.57
CA LEU A 25 -18.62 -26.93 -2.33
C LEU A 25 -19.61 -28.04 -2.60
N GLY A 26 -19.22 -28.92 -3.52
CA GLY A 26 -20.04 -30.05 -3.88
C GLY A 26 -21.17 -29.73 -4.84
N ASP A 27 -22.22 -29.09 -4.35
CA ASP A 27 -23.38 -28.86 -5.20
C ASP A 27 -23.77 -27.45 -5.60
N TYR A 28 -22.86 -26.48 -5.42
CA TYR A 28 -23.19 -25.10 -5.82
C TYR A 28 -22.68 -24.83 -7.23
N ASP A 29 -23.46 -24.07 -7.99
CA ASP A 29 -23.03 -23.70 -9.32
C ASP A 29 -22.21 -22.41 -9.20
N ILE A 30 -21.48 -22.03 -10.24
CA ILE A 30 -20.75 -20.76 -10.23
C ILE A 30 -21.44 -19.76 -11.18
N LYS A 31 -21.79 -18.55 -10.67
CA LYS A 31 -22.38 -17.55 -11.52
C LYS A 31 -21.32 -16.50 -11.80
N VAL A 32 -20.89 -16.38 -13.06
CA VAL A 32 -19.84 -15.42 -13.40
C VAL A 32 -20.39 -14.06 -13.78
N GLU A 33 -19.93 -13.01 -13.11
CA GLU A 33 -20.29 -11.65 -13.51
C GLU A 33 -18.97 -11.09 -13.98
N GLN A 34 -18.93 -10.60 -15.21
CA GLN A 34 -17.69 -10.07 -15.75
C GLN A 34 -17.86 -8.62 -16.20
N ALA A 35 -16.89 -7.78 -15.84
CA ALA A 35 -16.91 -6.38 -16.26
C ALA A 35 -15.54 -5.79 -16.13
N GLU A 36 -15.34 -4.63 -16.75
CA GLU A 36 -14.07 -3.95 -16.62
C GLU A 36 -14.24 -2.99 -15.44
N PHE A 37 -13.12 -2.56 -14.90
CA PHE A 37 -13.13 -1.65 -13.75
C PHE A 37 -13.94 -0.38 -13.94
N SER A 38 -13.92 0.18 -15.17
CA SER A 38 -14.65 1.40 -15.49
C SER A 38 -16.18 1.26 -15.40
N GLU A 39 -16.68 0.03 -15.42
CA GLU A 39 -18.12 -0.18 -15.36
C GLU A 39 -18.58 -0.63 -13.96
N LEU A 40 -17.68 -0.69 -13.00
CA LEU A 40 -18.02 -1.18 -11.69
C LEU A 40 -18.05 -0.18 -10.55
N ASN A 41 -18.92 -0.45 -9.59
CA ASN A 41 -18.88 0.38 -8.40
C ASN A 41 -19.38 -0.49 -7.29
N LEU A 42 -19.22 -0.03 -6.06
CA LEU A 42 -19.68 -0.82 -4.94
C LEU A 42 -19.87 0.05 -3.72
N VAL A 43 -20.48 -0.52 -2.69
CA VAL A 43 -20.54 0.16 -1.40
C VAL A 43 -20.29 -0.99 -0.41
N ALA A 44 -19.55 -0.75 0.66
CA ALA A 44 -19.27 -1.81 1.63
C ALA A 44 -19.51 -1.30 3.00
N HIS A 45 -19.94 -2.20 3.90
CA HIS A 45 -20.24 -1.85 5.31
C HIS A 45 -19.46 -2.67 6.32
N ALA A 46 -19.04 -2.05 7.41
CA ALA A 46 -18.29 -2.74 8.46
C ALA A 46 -19.11 -3.89 9.10
N ASP A 47 -20.43 -3.86 8.93
CA ASP A 47 -21.24 -4.94 9.54
C ASP A 47 -21.15 -6.19 8.65
N GLY A 48 -20.46 -6.07 7.52
CA GLY A 48 -20.30 -7.24 6.68
C GLY A 48 -21.10 -7.28 5.39
N THR A 49 -22.12 -6.44 5.29
CA THR A 49 -22.94 -6.39 4.07
C THR A 49 -22.25 -5.52 3.02
N TYR A 50 -22.48 -5.84 1.75
CA TYR A 50 -21.85 -5.10 0.65
C TYR A 50 -22.58 -5.42 -0.66
N ALA A 51 -22.42 -4.56 -1.66
CA ALA A 51 -23.11 -4.75 -2.94
C ALA A 51 -22.32 -4.12 -4.06
N VAL A 52 -22.28 -4.78 -5.21
CA VAL A 52 -21.56 -4.28 -6.36
C VAL A 52 -22.58 -3.91 -7.41
N ASP A 53 -22.27 -2.86 -8.16
CA ASP A 53 -23.15 -2.37 -9.21
C ASP A 53 -22.34 -2.37 -10.47
N MET A 54 -22.94 -2.89 -11.54
CA MET A 54 -22.26 -2.97 -12.81
C MET A 54 -23.16 -2.31 -13.85
N GLN A 55 -22.57 -1.39 -14.61
CA GLN A 55 -23.24 -0.67 -15.68
C GLN A 55 -23.26 -1.57 -16.90
N VAL A 56 -24.43 -1.95 -17.39
CA VAL A 56 -24.51 -2.81 -18.57
C VAL A 56 -24.98 -2.04 -19.80
N LEU A 57 -24.63 -2.55 -20.98
CA LEU A 57 -25.02 -1.91 -22.23
C LEU A 57 -25.75 -2.89 -23.14
N ARG A 58 -26.66 -3.68 -22.56
CA ARG A 58 -27.42 -4.66 -23.32
C ARG A 58 -28.69 -4.04 -23.89
N ASN A 59 -29.82 -4.26 -23.21
CA ASN A 59 -31.10 -3.72 -23.64
C ASN A 59 -31.44 -2.46 -22.87
N GLY A 60 -30.86 -1.34 -23.30
CA GLY A 60 -31.11 -0.07 -22.62
C GLY A 60 -29.97 0.91 -22.84
N THR A 61 -28.86 0.42 -23.38
CA THR A 61 -27.69 1.25 -23.65
C THR A 61 -27.03 1.71 -22.34
N LYS A 62 -27.80 1.73 -21.27
CA LYS A 62 -27.28 2.14 -19.97
C LYS A 62 -27.89 1.28 -18.87
N VAL A 63 -27.80 -0.03 -19.02
CA VAL A 63 -28.32 -0.97 -18.05
C VAL A 63 -27.51 -0.90 -16.75
N VAL A 64 -28.08 -1.46 -15.69
CA VAL A 64 -27.47 -1.44 -14.36
C VAL A 64 -27.91 -2.61 -13.45
N ARG A 65 -27.08 -3.65 -13.34
CA ARG A 65 -27.44 -4.78 -12.48
C ARG A 65 -26.62 -4.76 -11.19
N SER A 66 -27.17 -5.34 -10.15
CA SER A 66 -26.49 -5.35 -8.87
C SER A 66 -26.34 -6.78 -8.43
N PHE A 67 -25.29 -7.05 -7.64
CA PHE A 67 -25.07 -8.38 -7.15
C PHE A 67 -24.07 -8.35 -6.01
N ARG A 68 -23.96 -9.47 -5.36
CA ARG A 68 -23.08 -9.57 -4.21
C ARG A 68 -22.10 -10.68 -4.50
N PRO A 69 -20.91 -10.34 -4.99
CA PRO A 69 -19.94 -11.39 -5.27
C PRO A 69 -19.44 -12.10 -4.03
N ASP A 70 -19.05 -13.36 -4.18
CA ASP A 70 -18.52 -14.18 -3.11
C ASP A 70 -17.03 -14.28 -3.28
N PHE A 71 -16.55 -13.98 -4.48
CA PHE A 71 -15.12 -14.13 -4.78
C PHE A 71 -14.79 -13.25 -5.99
N VAL A 72 -13.53 -12.83 -6.14
CA VAL A 72 -13.21 -12.01 -7.26
C VAL A 72 -11.93 -12.48 -7.94
N LEU A 73 -11.92 -12.45 -9.26
CA LEU A 73 -10.71 -12.77 -10.02
C LEU A 73 -10.40 -11.45 -10.72
N ILE A 74 -9.20 -10.89 -10.49
CA ILE A 74 -8.82 -9.65 -11.11
C ILE A 74 -7.77 -9.84 -12.22
N ARG A 75 -8.14 -9.49 -13.44
CA ARG A 75 -7.21 -9.67 -14.54
C ARG A 75 -6.81 -8.34 -15.13
N GLN A 76 -7.40 -7.26 -14.64
CA GLN A 76 -7.11 -5.92 -15.20
C GLN A 76 -6.24 -5.12 -14.23
N HIS A 77 -5.36 -4.27 -14.78
CA HIS A 77 -4.53 -3.37 -14.01
C HIS A 77 -5.49 -2.47 -13.23
N ALA A 78 -5.28 -2.28 -11.93
CA ALA A 78 -6.19 -1.43 -11.19
C ALA A 78 -5.67 -0.01 -11.00
N PHE A 79 -4.45 0.27 -11.49
CA PHE A 79 -3.86 1.58 -11.28
C PHE A 79 -3.44 2.27 -12.59
N GLY A 80 -2.59 3.26 -12.55
CA GLY A 80 -2.28 3.85 -13.85
C GLY A 80 -2.61 5.31 -13.85
N MET A 81 -1.86 6.11 -14.61
CA MET A 81 -2.06 7.55 -14.54
C MET A 81 -2.84 8.17 -15.66
N ALA A 82 -3.09 7.41 -16.70
CA ALA A 82 -3.85 7.94 -17.79
C ALA A 82 -5.31 8.11 -17.40
N GLU A 83 -6.02 8.76 -18.30
CA GLU A 83 -7.44 9.05 -18.17
C GLU A 83 -8.25 7.81 -17.75
N ASN A 84 -8.95 7.97 -16.62
CA ASN A 84 -9.79 6.95 -15.98
C ASN A 84 -9.18 5.55 -15.94
N GLU A 85 -7.98 5.46 -15.39
CA GLU A 85 -7.30 4.18 -15.25
C GLU A 85 -7.05 3.94 -13.77
N ASP A 86 -7.45 4.87 -12.91
CA ASP A 86 -7.20 4.71 -11.48
C ASP A 86 -8.38 4.06 -10.74
N PHE A 87 -8.20 2.84 -10.22
CA PHE A 87 -9.31 2.19 -9.52
C PHE A 87 -8.91 1.69 -8.11
N ARG A 88 -7.96 2.37 -7.51
CA ARG A 88 -7.49 1.99 -6.17
C ARG A 88 -8.72 2.06 -5.21
N HIS A 89 -9.63 2.99 -5.44
CA HIS A 89 -10.78 3.07 -4.52
C HIS A 89 -11.68 1.82 -4.51
N LEU A 90 -11.75 1.13 -5.64
CA LEU A 90 -12.52 -0.11 -5.74
C LEU A 90 -11.74 -1.22 -5.08
N VAL A 91 -10.42 -1.28 -5.29
CA VAL A 91 -9.62 -2.29 -4.58
C VAL A 91 -9.76 -2.15 -3.05
N ILE A 92 -9.73 -0.90 -2.60
CA ILE A 92 -9.87 -0.66 -1.15
C ILE A 92 -11.25 -1.16 -0.69
N GLY A 93 -12.26 -0.87 -1.51
CA GLY A 93 -13.63 -1.26 -1.16
C GLY A 93 -13.86 -2.76 -1.11
N MET A 94 -13.20 -3.48 -2.01
CA MET A 94 -13.32 -4.94 -1.99
C MET A 94 -12.66 -5.48 -0.79
N GLN A 95 -11.52 -4.89 -0.36
CA GLN A 95 -10.84 -5.39 0.86
C GLN A 95 -11.70 -5.02 2.10
N TYR A 96 -12.30 -3.85 2.04
CA TYR A 96 -13.15 -3.39 3.19
C TYR A 96 -14.30 -4.41 3.38
N ALA A 97 -14.79 -4.94 2.26
CA ALA A 97 -15.84 -5.98 2.23
C ALA A 97 -15.37 -7.38 2.63
N GLY A 98 -14.06 -7.58 2.72
CA GLY A 98 -13.47 -8.85 3.07
C GLY A 98 -13.57 -9.89 1.96
N LEU A 99 -13.64 -9.42 0.72
CA LEU A 99 -13.77 -10.37 -0.42
C LEU A 99 -12.56 -11.17 -0.75
N PRO A 100 -12.70 -12.51 -0.81
CA PRO A 100 -11.52 -13.32 -1.15
C PRO A 100 -11.26 -13.14 -2.63
N SER A 101 -10.01 -13.35 -3.03
CA SER A 101 -9.74 -13.08 -4.44
C SER A 101 -8.44 -13.63 -4.91
N ILE A 102 -8.24 -13.60 -6.24
CA ILE A 102 -6.97 -14.01 -6.83
C ILE A 102 -6.62 -12.83 -7.75
N ASN A 103 -5.41 -12.25 -7.64
CA ASN A 103 -4.46 -12.55 -6.59
C ASN A 103 -5.13 -11.92 -5.32
N SER A 104 -4.53 -12.08 -4.16
CA SER A 104 -5.04 -11.44 -2.94
C SER A 104 -5.14 -9.89 -3.10
N LEU A 105 -6.16 -9.31 -2.50
CA LEU A 105 -6.30 -7.84 -2.56
C LEU A 105 -5.06 -7.18 -1.95
N GLU A 106 -4.50 -7.79 -0.93
CA GLU A 106 -3.28 -7.20 -0.29
C GLU A 106 -2.16 -7.03 -1.36
N SER A 107 -1.94 -8.08 -2.14
CA SER A 107 -0.86 -7.99 -3.14
C SER A 107 -1.23 -7.02 -4.27
N ILE A 108 -2.48 -7.02 -4.73
CA ILE A 108 -2.89 -6.11 -5.78
C ILE A 108 -2.65 -4.66 -5.35
N TYR A 109 -3.03 -4.37 -4.10
CA TYR A 109 -2.87 -3.02 -3.56
C TYR A 109 -1.38 -2.59 -3.55
N ASN A 110 -0.53 -3.52 -3.14
CA ASN A 110 0.86 -3.21 -3.07
C ASN A 110 1.56 -3.18 -4.45
N PHE A 111 0.86 -3.54 -5.53
CA PHE A 111 1.48 -3.43 -6.84
C PHE A 111 1.24 -2.09 -7.52
N CYS A 112 0.58 -1.17 -6.80
CA CYS A 112 0.27 0.16 -7.36
C CYS A 112 1.54 0.97 -7.73
N ASP A 113 2.56 0.94 -6.89
CA ASP A 113 3.77 1.73 -7.18
C ASP A 113 4.89 0.80 -7.69
N LYS A 114 5.24 0.89 -8.96
CA LYS A 114 6.30 -0.02 -9.45
C LYS A 114 7.59 -0.06 -8.62
N PRO A 115 8.11 1.10 -8.17
CA PRO A 115 9.35 1.04 -7.36
C PRO A 115 9.17 0.37 -6.01
N TRP A 116 7.94 0.29 -5.50
CA TRP A 116 7.67 -0.40 -4.25
C TRP A 116 7.82 -1.89 -4.48
N VAL A 117 7.31 -2.35 -5.62
CA VAL A 117 7.44 -3.75 -6.00
C VAL A 117 8.96 -4.00 -6.19
N PHE A 118 9.62 -3.07 -6.87
CA PHE A 118 11.06 -3.29 -7.13
C PHE A 118 11.86 -3.33 -5.84
N ALA A 119 11.40 -2.59 -4.83
CA ALA A 119 12.06 -2.60 -3.57
C ALA A 119 12.08 -4.00 -2.99
N GLN A 120 11.05 -4.80 -3.31
CA GLN A 120 10.97 -6.17 -2.79
C GLN A 120 12.02 -7.03 -3.51
N MET A 121 12.24 -6.74 -4.79
CA MET A 121 13.23 -7.49 -5.57
C MET A 121 14.63 -7.10 -5.10
N VAL A 122 14.83 -5.83 -4.74
CA VAL A 122 16.14 -5.47 -4.20
C VAL A 122 16.40 -6.30 -2.91
N ALA A 123 15.37 -6.50 -2.07
CA ALA A 123 15.62 -7.25 -0.84
C ALA A 123 15.95 -8.72 -1.14
N ILE A 124 15.30 -9.27 -2.17
CA ILE A 124 15.55 -10.64 -2.60
C ILE A 124 17.02 -10.69 -3.11
N PHE A 125 17.40 -9.68 -3.89
CA PHE A 125 18.77 -9.55 -4.40
C PHE A 125 19.80 -9.60 -3.24
N LYS A 126 19.52 -8.90 -2.13
CA LYS A 126 20.47 -8.92 -1.03
C LYS A 126 20.50 -10.31 -0.41
N THR A 127 19.36 -10.98 -0.38
CA THR A 127 19.30 -12.29 0.24
C THR A 127 19.98 -13.38 -0.55
N LEU A 128 19.62 -13.48 -1.82
CA LEU A 128 20.13 -14.51 -2.67
C LEU A 128 21.48 -14.21 -3.32
N GLY A 129 21.76 -12.93 -3.55
CA GLY A 129 22.99 -12.53 -4.20
C GLY A 129 22.83 -12.57 -5.72
N GLY A 130 23.64 -11.78 -6.42
CA GLY A 130 23.57 -11.71 -7.88
C GLY A 130 23.82 -12.94 -8.74
N GLU A 131 24.62 -13.91 -8.28
CA GLU A 131 24.82 -15.10 -9.11
C GLU A 131 23.46 -15.74 -9.38
N LYS A 132 22.70 -15.92 -8.31
CA LYS A 132 21.37 -16.53 -8.42
C LYS A 132 20.19 -15.63 -8.87
N PHE A 133 20.26 -14.35 -8.55
CA PHE A 133 19.14 -13.43 -8.85
C PHE A 133 19.83 -12.16 -9.37
N PRO A 134 20.08 -12.06 -10.70
CA PRO A 134 20.75 -10.94 -11.38
C PRO A 134 19.83 -9.76 -11.62
N LEU A 135 19.59 -9.02 -10.55
CA LEU A 135 18.72 -7.84 -10.63
C LEU A 135 19.47 -6.72 -11.33
N ILE A 136 18.80 -6.07 -12.27
CA ILE A 136 19.39 -4.95 -13.00
C ILE A 136 19.73 -3.80 -12.05
N GLU A 137 20.75 -3.04 -12.42
CA GLU A 137 21.15 -1.88 -11.64
C GLU A 137 20.00 -0.86 -11.84
N GLN A 138 19.60 -0.17 -10.79
CA GLN A 138 18.53 0.83 -11.03
C GLN A 138 18.66 1.84 -9.94
N THR A 139 18.23 3.06 -10.24
CA THR A 139 18.29 4.14 -9.29
C THR A 139 16.86 4.66 -9.19
N TYR A 140 16.46 4.97 -7.97
CA TYR A 140 15.14 5.53 -7.67
C TYR A 140 15.29 6.98 -7.26
N TYR A 141 14.56 7.85 -7.97
CA TYR A 141 14.58 9.26 -7.69
C TYR A 141 13.17 9.59 -7.18
N PRO A 142 13.01 9.94 -5.91
CA PRO A 142 11.76 10.29 -5.23
C PRO A 142 11.06 11.44 -5.99
N ASN A 143 11.85 12.34 -6.58
CA ASN A 143 11.37 13.44 -7.42
C ASN A 143 12.52 13.95 -8.34
N HIS A 144 12.21 14.97 -9.13
CA HIS A 144 13.19 15.47 -10.11
C HIS A 144 14.43 16.11 -9.55
N ARG A 145 14.38 16.55 -8.29
CA ARG A 145 15.52 17.22 -7.68
C ARG A 145 16.72 16.31 -7.46
N GLU A 146 16.49 15.01 -7.34
CA GLU A 146 17.60 14.09 -7.16
C GLU A 146 18.20 13.63 -8.49
N MET A 147 17.66 14.09 -9.61
CA MET A 147 18.15 13.73 -10.91
C MET A 147 19.25 14.68 -11.43
N LEU A 148 19.84 15.49 -10.54
CA LEU A 148 20.92 16.38 -10.97
C LEU A 148 22.13 15.52 -11.18
N THR A 149 22.37 14.59 -10.28
CA THR A 149 23.51 13.70 -10.42
C THR A 149 23.15 12.80 -11.61
N LEU A 150 23.99 12.86 -12.64
CA LEU A 150 23.76 12.08 -13.84
C LEU A 150 24.27 10.65 -13.77
N PRO A 151 23.56 9.73 -14.43
CA PRO A 151 23.87 8.32 -14.51
C PRO A 151 24.71 8.10 -15.78
N THR A 152 25.15 6.86 -15.99
CA THR A 152 25.92 6.53 -17.18
C THR A 152 24.90 6.22 -18.24
N PHE A 153 25.10 6.76 -19.44
CA PHE A 153 24.17 6.55 -20.55
C PHE A 153 24.62 5.41 -21.44
N PRO A 154 23.70 4.76 -22.15
CA PRO A 154 22.27 5.01 -22.19
C PRO A 154 21.49 4.37 -21.05
N VAL A 155 20.33 4.99 -20.77
CA VAL A 155 19.45 4.51 -19.74
C VAL A 155 18.01 4.49 -20.22
N VAL A 156 17.20 3.75 -19.48
CA VAL A 156 15.79 3.73 -19.75
C VAL A 156 15.25 4.42 -18.47
N VAL A 157 14.51 5.51 -18.64
CA VAL A 157 13.96 6.20 -17.50
C VAL A 157 12.48 5.86 -17.50
N LYS A 158 11.98 5.47 -16.33
CA LYS A 158 10.56 5.11 -16.17
C LYS A 158 9.93 6.24 -15.34
N ILE A 159 9.00 6.98 -15.92
CA ILE A 159 8.40 8.13 -15.20
C ILE A 159 7.07 7.77 -14.55
N GLY A 160 7.00 7.94 -13.23
CA GLY A 160 5.78 7.68 -12.51
C GLY A 160 5.33 6.24 -12.54
N HIS A 161 4.01 6.04 -12.56
CA HIS A 161 3.48 4.69 -12.53
C HIS A 161 2.41 4.38 -13.55
N ALA A 162 2.77 3.55 -14.52
CA ALA A 162 1.78 3.18 -15.52
C ALA A 162 2.29 1.87 -16.08
N HIS A 163 1.39 1.11 -16.68
CA HIS A 163 1.72 -0.20 -17.22
C HIS A 163 1.90 -0.04 -18.70
N SER A 164 2.12 -1.16 -19.37
CA SER A 164 2.29 -1.21 -20.81
C SER A 164 3.49 -0.38 -21.20
N GLY A 165 4.35 -0.13 -20.22
CA GLY A 165 5.55 0.64 -20.48
C GLY A 165 5.28 2.13 -20.65
N MET A 166 4.02 2.54 -20.55
CA MET A 166 3.71 3.96 -20.66
C MET A 166 4.69 4.70 -19.75
N GLY A 167 5.20 5.84 -20.20
CA GLY A 167 6.12 6.58 -19.35
C GLY A 167 7.57 6.12 -19.39
N LYS A 168 7.92 5.17 -20.25
CA LYS A 168 9.31 4.74 -20.34
C LYS A 168 9.98 5.51 -21.52
N VAL A 169 11.19 5.97 -21.32
CA VAL A 169 11.86 6.71 -22.38
C VAL A 169 13.35 6.29 -22.40
N LYS A 170 13.92 6.12 -23.58
CA LYS A 170 15.33 5.79 -23.68
C LYS A 170 16.07 7.13 -23.81
N VAL A 171 17.05 7.37 -22.95
CA VAL A 171 17.82 8.61 -22.86
C VAL A 171 19.34 8.34 -23.11
N GLU A 172 19.94 9.08 -24.02
CA GLU A 172 21.35 8.84 -24.39
C GLU A 172 22.42 9.85 -24.03
N ASN A 173 22.03 11.04 -23.59
CA ASN A 173 23.01 12.06 -23.23
C ASN A 173 22.40 12.93 -22.14
N HIS A 174 23.21 13.73 -21.46
CA HIS A 174 22.70 14.55 -20.36
C HIS A 174 21.82 15.70 -20.78
N TYR A 175 21.86 16.05 -22.06
CA TYR A 175 20.98 17.10 -22.55
C TYR A 175 19.55 16.58 -22.50
N ASP A 176 19.34 15.42 -23.10
CA ASP A 176 17.99 14.87 -23.13
C ASP A 176 17.57 14.50 -21.69
N PHE A 177 18.50 13.96 -20.88
CA PHE A 177 18.22 13.57 -19.49
C PHE A 177 17.69 14.79 -18.73
N GLN A 178 18.30 15.96 -18.97
CA GLN A 178 17.81 17.17 -18.32
C GLN A 178 16.38 17.48 -18.81
N ASP A 179 16.07 17.23 -20.08
CA ASP A 179 14.70 17.52 -20.50
C ASP A 179 13.74 16.52 -19.83
N ILE A 180 14.19 15.28 -19.65
CA ILE A 180 13.28 14.31 -19.05
C ILE A 180 13.12 14.63 -17.58
N ALA A 181 14.17 15.11 -16.94
CA ALA A 181 14.08 15.47 -15.55
C ALA A 181 13.05 16.60 -15.39
N SER A 182 12.96 17.50 -16.38
CA SER A 182 11.99 18.58 -16.28
C SER A 182 10.57 18.01 -16.47
N VAL A 183 10.42 16.94 -17.27
CA VAL A 183 9.08 16.34 -17.44
C VAL A 183 8.64 15.67 -16.13
N VAL A 184 9.59 15.06 -15.42
CA VAL A 184 9.34 14.44 -14.15
C VAL A 184 8.84 15.55 -13.19
N ALA A 185 9.48 16.72 -13.23
CA ALA A 185 9.11 17.87 -12.39
C ALA A 185 7.66 18.25 -12.64
N LEU A 186 7.34 18.38 -13.92
CA LEU A 186 6.00 18.70 -14.43
C LEU A 186 4.93 17.72 -13.91
N THR A 187 5.27 16.44 -13.84
CA THR A 187 4.34 15.42 -13.40
C THR A 187 4.27 15.24 -11.89
N GLN A 188 5.17 15.90 -11.17
CA GLN A 188 5.32 15.84 -9.73
C GLN A 188 5.36 14.37 -9.26
N THR A 189 6.09 13.51 -9.96
CA THR A 189 6.12 12.13 -9.46
C THR A 189 7.55 11.63 -9.36
N TYR A 190 7.71 10.34 -9.07
CA TYR A 190 9.06 9.79 -8.96
C TYR A 190 9.49 9.22 -10.31
N ALA A 191 10.73 8.75 -10.37
CA ALA A 191 11.21 8.18 -11.61
C ALA A 191 12.31 7.17 -11.27
N THR A 192 12.59 6.30 -12.23
CA THR A 192 13.69 5.34 -12.02
C THR A 192 14.53 5.37 -13.28
N ALA A 193 15.81 5.08 -13.13
CA ALA A 193 16.69 5.00 -14.31
C ALA A 193 17.48 3.69 -14.17
N GLU A 194 17.58 2.96 -15.26
CA GLU A 194 18.34 1.70 -15.29
C GLU A 194 19.12 1.67 -16.60
N PRO A 195 20.27 0.99 -16.61
CA PRO A 195 21.04 0.93 -17.85
C PRO A 195 20.20 0.33 -18.99
N PHE A 196 20.34 0.87 -20.20
CA PHE A 196 19.63 0.31 -21.33
C PHE A 196 20.49 -0.88 -21.77
N ILE A 197 19.94 -2.09 -21.71
CA ILE A 197 20.70 -3.28 -22.08
C ILE A 197 20.68 -3.56 -23.59
N ASP A 198 21.88 -3.71 -24.16
CA ASP A 198 22.01 -4.03 -25.60
C ASP A 198 21.70 -5.50 -25.51
N ALA A 199 20.47 -5.84 -25.89
CA ALA A 199 19.97 -7.19 -25.72
C ALA A 199 20.02 -8.18 -26.85
N LYS A 200 20.33 -9.41 -26.46
CA LYS A 200 20.35 -10.53 -27.38
C LYS A 200 18.88 -10.99 -27.35
N TYR A 201 18.33 -11.24 -26.14
CA TYR A 201 16.92 -11.70 -26.06
C TYR A 201 16.16 -11.40 -24.75
N ASP A 202 14.83 -11.48 -24.86
CA ASP A 202 13.90 -11.27 -23.74
C ASP A 202 13.50 -12.58 -23.11
N ILE A 203 13.26 -12.56 -21.81
CA ILE A 203 12.86 -13.80 -21.11
C ILE A 203 11.70 -13.43 -20.15
N ARG A 204 10.70 -14.30 -20.08
CA ARG A 204 9.58 -14.10 -19.15
C ARG A 204 9.34 -15.46 -18.51
N VAL A 205 9.38 -15.49 -17.19
CA VAL A 205 9.18 -16.73 -16.46
C VAL A 205 7.86 -16.50 -15.72
N GLN A 206 6.86 -17.33 -15.99
CA GLN A 206 5.60 -17.14 -15.33
C GLN A 206 5.23 -18.30 -14.41
N LYS A 207 4.41 -17.98 -13.44
CA LYS A 207 3.91 -18.95 -12.48
C LYS A 207 2.42 -18.72 -12.28
N ILE A 208 1.64 -19.77 -12.50
CA ILE A 208 0.19 -19.71 -12.32
C ILE A 208 -0.05 -20.88 -11.37
N GLY A 209 -0.33 -20.58 -10.09
CA GLY A 209 -0.51 -21.64 -9.13
C GLY A 209 0.78 -22.42 -9.11
N ASN A 210 0.73 -23.71 -9.39
CA ASN A 210 1.99 -24.44 -9.40
C ASN A 210 2.50 -24.82 -10.77
N ASN A 211 1.98 -24.15 -11.79
CA ASN A 211 2.43 -24.37 -13.15
C ASN A 211 3.43 -23.27 -13.53
N TYR A 212 4.53 -23.67 -14.19
CA TYR A 212 5.58 -22.74 -14.60
C TYR A 212 5.89 -22.83 -16.09
N LYS A 213 6.12 -21.68 -16.71
CA LYS A 213 6.51 -21.61 -18.13
C LYS A 213 7.55 -20.51 -18.33
N ALA A 214 8.49 -20.74 -19.24
CA ALA A 214 9.50 -19.75 -19.54
C ALA A 214 9.40 -19.49 -21.03
N TYR A 215 9.40 -18.19 -21.38
CA TYR A 215 9.30 -17.72 -22.75
C TYR A 215 10.46 -16.77 -23.11
N MET A 216 10.91 -16.87 -24.35
CA MET A 216 12.00 -16.02 -24.84
C MET A 216 11.57 -15.28 -26.08
N ARG A 217 11.75 -13.95 -26.08
CA ARG A 217 11.44 -13.11 -27.24
C ARG A 217 12.77 -12.50 -27.72
N THR A 218 13.08 -12.71 -28.98
CA THR A 218 14.33 -12.22 -29.54
C THR A 218 14.14 -10.86 -30.21
N SER A 219 14.95 -9.89 -29.80
CA SER A 219 14.91 -8.54 -30.34
C SER A 219 15.97 -7.69 -29.64
N ILE A 220 16.12 -6.45 -30.09
CA ILE A 220 17.11 -5.55 -29.50
C ILE A 220 16.36 -4.58 -28.57
N SER A 221 15.05 -4.66 -28.61
CA SER A 221 14.17 -3.82 -27.78
C SER A 221 14.55 -3.82 -26.30
N GLY A 222 15.16 -4.93 -25.84
CA GLY A 222 15.59 -5.07 -24.46
C GLY A 222 14.61 -4.59 -23.38
N ASN A 223 15.13 -3.87 -22.39
CA ASN A 223 14.28 -3.38 -21.30
C ASN A 223 13.66 -2.01 -21.62
N TRP A 224 13.75 -1.58 -22.87
CA TRP A 224 13.19 -0.31 -23.29
C TRP A 224 11.73 -0.48 -23.76
N LYS A 225 11.51 -1.30 -24.80
CA LYS A 225 10.15 -1.52 -25.29
C LYS A 225 9.66 -2.91 -24.96
N THR A 226 8.97 -3.00 -23.83
CA THR A 226 8.41 -4.25 -23.28
C THR A 226 6.88 -4.38 -23.41
N ASN A 227 6.33 -5.52 -22.99
CA ASN A 227 4.89 -5.75 -23.03
C ASN A 227 4.29 -5.73 -24.44
N THR A 228 4.87 -4.94 -25.33
CA THR A 228 4.37 -4.82 -26.70
C THR A 228 4.10 -6.17 -27.35
N GLY A 229 3.36 -6.14 -28.46
CA GLY A 229 3.02 -7.36 -29.18
C GLY A 229 4.19 -8.32 -29.37
N SER A 230 3.87 -9.56 -29.71
CA SER A 230 4.89 -10.58 -29.92
C SER A 230 4.86 -11.14 -31.34
N ALA A 231 5.38 -10.36 -32.29
CA ALA A 231 5.42 -10.79 -33.68
C ALA A 231 6.50 -11.85 -33.83
N MET A 232 7.11 -12.23 -32.70
CA MET A 232 8.16 -13.24 -32.68
C MET A 232 8.50 -13.67 -31.25
N LEU A 233 7.83 -14.72 -30.78
CA LEU A 233 8.05 -15.21 -29.41
C LEU A 233 8.02 -16.75 -29.31
N GLU A 234 8.83 -17.33 -28.41
CA GLU A 234 8.86 -18.80 -28.27
C GLU A 234 9.13 -19.36 -26.86
N GLN A 235 8.42 -20.44 -26.51
CA GLN A 235 8.62 -21.05 -25.20
C GLN A 235 9.99 -21.70 -25.11
N ILE A 236 10.47 -21.93 -23.88
CA ILE A 236 11.74 -22.61 -23.68
C ILE A 236 11.68 -23.46 -22.41
N ALA A 237 12.72 -24.23 -22.15
CA ALA A 237 12.69 -25.11 -20.99
C ALA A 237 12.93 -24.40 -19.65
N MET A 238 12.19 -24.80 -18.63
CA MET A 238 12.40 -24.17 -17.34
C MET A 238 13.70 -24.71 -16.80
N SER A 239 14.34 -23.97 -15.90
CA SER A 239 15.61 -24.35 -15.30
C SER A 239 15.51 -24.03 -13.83
N ASP A 240 16.35 -24.65 -13.02
CA ASP A 240 16.27 -24.33 -11.61
C ASP A 240 16.52 -22.82 -11.45
N ARG A 241 17.39 -22.27 -12.30
CA ARG A 241 17.75 -20.86 -12.24
C ARG A 241 16.50 -19.99 -12.43
N TYR A 242 15.76 -20.25 -13.50
CA TYR A 242 14.57 -19.48 -13.77
C TYR A 242 13.47 -19.69 -12.73
N LYS A 243 13.34 -20.92 -12.25
CA LYS A 243 12.31 -21.24 -11.30
C LYS A 243 12.59 -20.52 -10.01
N LEU A 244 13.85 -20.41 -9.61
CA LEU A 244 14.17 -19.73 -8.37
C LEU A 244 13.75 -18.26 -8.50
N TRP A 245 14.03 -17.63 -9.64
CA TRP A 245 13.65 -16.21 -9.85
C TRP A 245 12.14 -15.97 -9.57
N VAL A 246 11.28 -16.70 -10.27
CA VAL A 246 9.85 -16.48 -10.11
C VAL A 246 9.36 -16.99 -8.74
N ASP A 247 9.90 -18.09 -8.24
CA ASP A 247 9.45 -18.52 -6.94
C ASP A 247 9.80 -17.51 -5.87
N ALA A 248 10.98 -16.91 -5.96
CA ALA A 248 11.36 -15.94 -4.93
C ALA A 248 10.43 -14.69 -5.05
N CYS A 249 10.16 -14.24 -6.27
CA CYS A 249 9.30 -13.06 -6.46
C CYS A 249 7.86 -13.35 -6.05
N SER A 250 7.41 -14.59 -6.26
CA SER A 250 6.04 -14.97 -5.89
C SER A 250 5.78 -14.98 -4.37
N GLU A 251 6.83 -14.84 -3.57
CA GLU A 251 6.63 -14.81 -2.10
C GLU A 251 6.28 -13.40 -1.58
N MET A 252 6.41 -12.38 -2.39
CA MET A 252 6.18 -11.05 -1.83
C MET A 252 4.70 -10.70 -1.55
N PHE A 253 4.52 -9.74 -0.65
CA PHE A 253 3.16 -9.26 -0.24
C PHE A 253 2.20 -10.37 0.17
N GLY A 254 2.73 -11.32 0.92
CA GLY A 254 1.95 -12.46 1.39
C GLY A 254 1.75 -13.58 0.39
N GLY A 255 2.31 -13.42 -0.82
CA GLY A 255 2.19 -14.47 -1.82
C GLY A 255 1.35 -14.08 -3.03
N LEU A 256 1.91 -14.31 -4.22
CA LEU A 256 1.26 -14.01 -5.50
C LEU A 256 0.87 -15.32 -6.14
N ASP A 257 -0.43 -15.57 -6.35
CA ASP A 257 -0.88 -16.82 -7.02
C ASP A 257 -0.55 -16.85 -8.53
N ILE A 258 -0.61 -15.68 -9.15
CA ILE A 258 -0.30 -15.49 -10.58
C ILE A 258 0.79 -14.39 -10.67
N CYS A 259 1.95 -14.69 -11.27
CA CYS A 259 2.92 -13.64 -11.49
C CYS A 259 3.91 -14.05 -12.57
N ALA A 260 4.78 -13.11 -12.91
CA ALA A 260 5.83 -13.34 -13.94
C ALA A 260 7.01 -12.39 -13.69
N VAL A 261 8.22 -12.80 -14.11
CA VAL A 261 9.46 -12.04 -13.91
C VAL A 261 9.93 -11.81 -15.34
N LYS A 262 10.46 -10.63 -15.62
CA LYS A 262 10.94 -10.35 -16.97
C LYS A 262 12.40 -10.08 -16.85
N ALA A 263 13.15 -10.51 -17.85
CA ALA A 263 14.57 -10.24 -17.81
C ALA A 263 15.05 -10.15 -19.26
N VAL A 264 16.22 -9.57 -19.43
CA VAL A 264 16.79 -9.52 -20.79
C VAL A 264 18.14 -10.19 -20.66
N HIS A 265 18.55 -10.91 -21.69
CA HIS A 265 19.87 -11.55 -21.62
C HIS A 265 20.74 -10.61 -22.49
N GLY A 266 21.79 -10.11 -21.87
CA GLY A 266 22.67 -9.17 -22.57
C GLY A 266 23.56 -9.85 -23.59
N LYS A 267 24.00 -9.08 -24.57
CA LYS A 267 24.89 -9.63 -25.57
C LYS A 267 26.13 -10.04 -24.80
N ASP A 268 26.39 -9.40 -23.66
CA ASP A 268 27.51 -9.74 -22.78
C ASP A 268 27.33 -11.09 -22.09
N GLY A 269 26.30 -11.83 -22.51
CA GLY A 269 26.02 -13.13 -21.94
C GLY A 269 25.51 -13.13 -20.50
N LYS A 270 25.07 -11.98 -20.01
CA LYS A 270 24.56 -11.91 -18.65
C LYS A 270 23.05 -11.61 -18.61
N ASP A 271 22.36 -12.08 -17.56
CA ASP A 271 20.90 -11.85 -17.43
C ASP A 271 20.67 -10.63 -16.55
N TYR A 272 19.61 -9.89 -16.84
CA TYR A 272 19.25 -8.69 -16.05
C TYR A 272 17.74 -8.78 -15.77
N ILE A 273 17.40 -9.04 -14.51
CA ILE A 273 15.99 -9.09 -14.12
C ILE A 273 15.56 -7.64 -13.93
N PHE A 274 14.53 -7.23 -14.62
CA PHE A 274 14.10 -5.85 -14.48
C PHE A 274 12.61 -5.57 -14.11
N GLU A 275 11.72 -6.59 -14.11
CA GLU A 275 10.28 -6.33 -13.80
C GLU A 275 9.56 -7.58 -13.26
N VAL A 276 8.58 -7.38 -12.37
CA VAL A 276 7.75 -8.51 -11.91
C VAL A 276 6.31 -8.08 -12.21
N MET A 277 5.49 -8.98 -12.75
CA MET A 277 4.12 -8.69 -13.08
C MET A 277 3.22 -9.54 -12.16
N ASP A 278 2.02 -9.06 -11.86
CA ASP A 278 1.18 -9.84 -10.96
C ASP A 278 -0.02 -10.40 -11.73
N CYS A 279 -1.17 -10.56 -11.08
CA CYS A 279 -2.31 -11.15 -11.81
C CYS A 279 -2.88 -10.38 -13.00
N SER A 280 -2.40 -9.17 -13.27
CA SER A 280 -2.91 -8.49 -14.47
C SER A 280 -1.95 -8.76 -15.68
N MET A 281 -0.97 -9.66 -15.51
CA MET A 281 -0.02 -9.99 -16.61
C MET A 281 -0.76 -10.50 -17.85
N PRO A 282 -0.40 -9.98 -19.03
CA PRO A 282 -1.12 -10.50 -20.18
C PRO A 282 -0.73 -11.97 -20.44
N LEU A 283 -1.63 -12.75 -20.98
CA LEU A 283 -1.30 -14.15 -21.29
C LEU A 283 -0.60 -14.13 -22.66
N ILE A 284 0.52 -14.84 -22.79
CA ILE A 284 1.23 -14.80 -24.05
C ILE A 284 1.53 -16.16 -24.64
N GLY A 285 2.21 -16.18 -25.79
CA GLY A 285 2.53 -17.45 -26.45
C GLY A 285 1.31 -18.14 -27.06
N GLU A 286 1.52 -19.39 -27.47
CA GLU A 286 0.46 -20.18 -28.09
C GLU A 286 -0.45 -20.89 -27.09
N HIS A 287 0.05 -21.03 -25.85
CA HIS A 287 -0.68 -21.72 -24.78
C HIS A 287 -1.60 -20.79 -23.95
N GLN A 288 -2.24 -19.80 -24.58
CA GLN A 288 -3.10 -18.91 -23.82
C GLN A 288 -4.35 -19.60 -23.34
N VAL A 289 -4.91 -20.51 -24.12
CA VAL A 289 -6.09 -21.23 -23.66
C VAL A 289 -5.70 -22.18 -22.50
N GLU A 290 -4.51 -22.78 -22.57
CA GLU A 290 -4.10 -23.65 -21.48
C GLU A 290 -3.96 -22.78 -20.17
N ASP A 291 -3.41 -21.59 -20.33
CA ASP A 291 -3.19 -20.71 -19.18
C ASP A 291 -4.49 -20.29 -18.52
N ARG A 292 -5.50 -19.99 -19.33
CA ARG A 292 -6.78 -19.61 -18.80
C ARG A 292 -7.39 -20.80 -18.07
N GLN A 293 -7.14 -22.00 -18.58
CA GLN A 293 -7.68 -23.17 -17.91
C GLN A 293 -6.97 -23.35 -16.55
N LEU A 294 -5.67 -23.04 -16.46
CA LEU A 294 -4.93 -23.15 -15.21
C LEU A 294 -5.46 -22.08 -14.23
N ILE A 295 -5.74 -20.89 -14.73
CA ILE A 295 -6.26 -19.81 -13.85
C ILE A 295 -7.64 -20.25 -13.34
N THR A 296 -8.48 -20.76 -14.23
CA THR A 296 -9.81 -21.26 -13.84
C THR A 296 -9.73 -22.34 -12.72
N ASP A 297 -8.84 -23.33 -12.85
CA ASP A 297 -8.69 -24.35 -11.79
C ASP A 297 -8.22 -23.72 -10.46
N LEU A 298 -7.33 -22.74 -10.57
CA LEU A 298 -6.83 -22.07 -9.39
C LEU A 298 -7.97 -21.35 -8.64
N VAL A 299 -8.83 -20.70 -9.38
CA VAL A 299 -9.96 -20.00 -8.79
C VAL A 299 -10.94 -20.98 -8.14
N ILE A 300 -11.19 -22.12 -8.79
CA ILE A 300 -12.12 -23.08 -8.18
C ILE A 300 -11.49 -23.62 -6.89
N SER A 301 -10.19 -23.92 -6.89
CA SER A 301 -9.47 -24.45 -5.74
C SER A 301 -9.62 -23.46 -4.57
N LYS A 302 -9.36 -22.19 -4.87
CA LYS A 302 -9.46 -21.14 -3.86
C LYS A 302 -10.87 -20.92 -3.36
N MET A 303 -11.86 -20.99 -4.22
CA MET A 303 -13.21 -20.81 -3.72
C MET A 303 -13.60 -21.96 -2.80
N ASN A 304 -13.16 -23.16 -3.14
CA ASN A 304 -13.47 -24.29 -2.26
C ASN A 304 -12.76 -24.12 -0.93
N GLN A 305 -11.60 -23.48 -0.96
CA GLN A 305 -10.83 -23.32 0.26
C GLN A 305 -11.38 -22.25 1.18
N LEU A 306 -11.82 -21.15 0.59
CA LEU A 306 -12.24 -20.04 1.43
C LEU A 306 -13.74 -19.82 1.64
N LEU A 307 -14.60 -20.45 0.83
CA LEU A 307 -16.04 -20.22 0.97
C LEU A 307 -16.85 -21.27 1.79
N SER A 308 -18.10 -20.94 2.11
CA SER A 308 -18.99 -21.82 2.88
C SER A 308 -20.40 -21.89 2.27
N LYS B 1 33.24 4.21 16.73
CA LYS B 1 32.44 5.13 15.87
C LYS B 1 30.96 5.04 16.25
N ALA B 2 30.07 5.46 15.34
CA ALA B 2 28.65 5.43 15.66
C ALA B 2 27.75 5.01 14.51
N LYS B 3 26.55 4.57 14.87
CA LYS B 3 25.51 4.19 13.90
C LYS B 3 24.63 5.44 13.75
N VAL B 4 24.23 5.76 12.52
CA VAL B 4 23.39 6.94 12.26
C VAL B 4 21.87 6.61 12.33
N LEU B 5 21.15 7.39 13.13
CA LEU B 5 19.69 7.25 13.27
C LEU B 5 19.02 8.50 12.76
N LEU B 6 18.14 8.33 11.79
CA LEU B 6 17.39 9.43 11.21
C LEU B 6 16.07 9.41 11.97
N VAL B 7 15.66 10.57 12.51
CA VAL B 7 14.37 10.64 13.20
C VAL B 7 13.62 11.70 12.41
N VAL B 8 12.42 11.35 11.94
CA VAL B 8 11.62 12.30 11.17
C VAL B 8 10.58 12.80 12.18
N ASP B 9 10.77 14.03 12.66
CA ASP B 9 9.85 14.58 13.66
C ASP B 9 10.04 16.09 13.66
N GLU B 10 9.09 16.79 14.25
CA GLU B 10 9.20 18.25 14.30
C GLU B 10 10.30 18.65 15.29
N PRO B 11 10.82 19.87 15.12
CA PRO B 11 11.90 20.35 15.98
C PRO B 11 11.55 20.55 17.45
N HIS B 12 10.27 20.65 17.78
CA HIS B 12 9.89 20.83 19.18
C HIS B 12 10.27 19.65 20.11
N THR B 13 10.63 18.52 19.52
CA THR B 13 11.06 17.35 20.30
C THR B 13 12.53 17.17 19.95
N ASP B 14 13.39 17.15 20.97
CA ASP B 14 14.83 17.00 20.76
C ASP B 14 15.26 15.55 21.04
N TRP B 15 15.12 14.70 20.02
CA TRP B 15 15.48 13.29 20.14
C TRP B 15 16.95 13.06 20.40
N ALA B 16 17.81 13.96 19.97
CA ALA B 16 19.24 13.77 20.24
C ALA B 16 19.46 13.67 21.76
N LYS B 17 18.68 14.43 22.53
CA LYS B 17 18.80 14.38 24.00
C LYS B 17 18.45 12.99 24.56
N CYS B 18 17.41 12.39 23.99
CA CYS B 18 16.98 11.08 24.44
C CYS B 18 18.03 10.01 24.23
N PHE B 19 18.75 10.09 23.11
CA PHE B 19 19.72 9.04 22.81
C PHE B 19 21.15 9.25 23.33
N ARG B 20 21.36 10.35 24.04
CA ARG B 20 22.66 10.69 24.59
C ARG B 20 23.26 9.62 25.48
N GLY B 21 24.53 9.31 25.24
CA GLY B 21 25.22 8.31 26.04
C GLY B 21 24.79 6.88 25.80
N LYS B 22 23.72 6.70 25.03
CA LYS B 22 23.18 5.38 24.74
C LYS B 22 24.07 4.65 23.72
N LYS B 23 24.36 3.38 24.02
CA LYS B 23 25.18 2.54 23.17
C LYS B 23 24.40 1.36 22.62
N ILE B 24 24.82 0.88 21.46
CA ILE B 24 24.21 -0.28 20.85
C ILE B 24 25.37 -1.16 20.36
N LEU B 25 25.11 -2.44 20.19
CA LEU B 25 26.10 -3.38 19.70
C LEU B 25 27.33 -3.39 20.64
N GLY B 26 27.06 -3.14 21.91
CA GLY B 26 28.12 -3.13 22.89
C GLY B 26 28.88 -1.82 23.01
N ASP B 27 29.61 -1.47 21.96
CA ASP B 27 30.43 -0.28 22.00
C ASP B 27 30.07 0.91 21.10
N TYR B 28 29.12 0.72 20.19
CA TYR B 28 28.73 1.80 19.26
C TYR B 28 27.87 2.90 19.84
N ASP B 29 28.16 4.13 19.44
CA ASP B 29 27.37 5.28 19.86
C ASP B 29 26.35 5.52 18.77
N ILE B 30 25.37 6.36 19.05
CA ILE B 30 24.35 6.67 18.06
C ILE B 30 24.37 8.15 17.68
N LYS B 31 24.60 8.47 16.41
CA LYS B 31 24.50 9.86 15.99
C LYS B 31 23.07 10.08 15.45
N VAL B 32 22.35 11.03 16.01
CA VAL B 32 20.97 11.36 15.61
C VAL B 32 20.86 12.51 14.61
N GLU B 33 20.28 12.23 13.46
CA GLU B 33 20.01 13.28 12.47
C GLU B 33 18.49 13.46 12.57
N GLN B 34 18.03 14.69 12.78
CA GLN B 34 16.60 14.90 12.89
C GLN B 34 16.11 15.97 11.93
N ALA B 35 15.00 15.69 11.24
CA ALA B 35 14.41 16.64 10.31
C ALA B 35 12.97 16.28 10.04
N GLU B 36 12.23 17.22 9.48
CA GLU B 36 10.84 16.99 9.13
C GLU B 36 10.87 16.47 7.68
N PHE B 37 9.80 15.80 7.26
CA PHE B 37 9.75 15.27 5.88
C PHE B 37 9.96 16.30 4.79
N SER B 38 9.45 17.52 5.00
CA SER B 38 9.58 18.60 4.01
C SER B 38 11.01 19.04 3.76
N GLU B 39 11.91 18.69 4.67
CA GLU B 39 13.32 19.07 4.56
C GLU B 39 14.23 17.90 4.11
N LEU B 40 13.61 16.79 3.73
CA LEU B 40 14.39 15.61 3.35
C LEU B 40 14.27 15.14 1.92
N ASN B 41 15.34 14.52 1.43
CA ASN B 41 15.26 13.92 0.14
C ASN B 41 16.29 12.81 0.13
N LEU B 42 16.23 11.96 -0.88
CA LEU B 42 17.16 10.86 -0.94
C LEU B 42 17.24 10.33 -2.34
N VAL B 43 18.21 9.45 -2.56
CA VAL B 43 18.34 8.73 -3.81
C VAL B 43 18.75 7.32 -3.33
N ALA B 44 18.27 6.26 -3.99
CA ALA B 44 18.62 4.91 -3.54
C ALA B 44 18.93 4.09 -4.77
N HIS B 45 19.78 3.08 -4.62
CA HIS B 45 20.18 2.23 -5.77
C HIS B 45 19.99 0.78 -5.48
N ALA B 46 19.72 0.04 -6.54
CA ALA B 46 19.49 -1.39 -6.37
C ALA B 46 20.71 -2.09 -5.74
N ASP B 47 21.91 -1.52 -5.90
CA ASP B 47 23.10 -2.19 -5.36
C ASP B 47 23.32 -2.06 -3.87
N GLY B 48 22.43 -1.32 -3.19
CA GLY B 48 22.54 -1.18 -1.76
C GLY B 48 23.03 0.16 -1.26
N THR B 49 23.52 1.02 -2.15
CA THR B 49 23.97 2.32 -1.69
C THR B 49 22.82 3.34 -1.73
N TYR B 50 22.89 4.34 -0.90
CA TYR B 50 21.82 5.35 -0.87
C TYR B 50 22.32 6.54 -0.08
N ALA B 51 21.73 7.69 -0.32
CA ALA B 51 22.14 8.89 0.41
C ALA B 51 20.93 9.77 0.69
N VAL B 52 20.86 10.27 1.92
CA VAL B 52 19.77 11.14 2.34
C VAL B 52 20.24 12.58 2.40
N ASP B 53 19.49 13.45 1.76
CA ASP B 53 19.77 14.89 1.67
C ASP B 53 18.85 15.63 2.66
N MET B 54 19.46 16.48 3.49
CA MET B 54 18.70 17.25 4.47
C MET B 54 19.02 18.75 4.36
N GLN B 55 18.01 19.57 4.06
CA GLN B 55 18.20 21.02 3.98
C GLN B 55 17.51 21.59 5.21
N VAL B 56 18.26 21.94 6.25
CA VAL B 56 17.62 22.48 7.45
C VAL B 56 17.87 23.95 7.71
N LEU B 57 16.80 24.69 7.91
CA LEU B 57 16.89 26.11 8.21
C LEU B 57 17.19 26.20 9.69
N ARG B 58 18.42 26.58 10.04
CA ARG B 58 18.81 26.66 11.44
C ARG B 58 19.35 28.01 11.88
N ASN B 59 19.06 28.35 13.14
CA ASN B 59 19.48 29.59 13.76
C ASN B 59 19.78 30.72 12.78
N GLY B 60 18.94 30.84 11.74
CA GLY B 60 19.10 31.89 10.77
C GLY B 60 19.88 31.61 9.49
N THR B 61 19.90 30.36 9.02
CA THR B 61 20.63 30.04 7.80
C THR B 61 20.23 28.71 7.17
N LYS B 62 20.10 28.71 5.85
CA LYS B 62 19.74 27.51 5.10
C LYS B 62 20.87 26.49 5.18
N VAL B 63 20.71 25.49 6.04
CA VAL B 63 21.74 24.47 6.21
C VAL B 63 21.52 23.26 5.31
N VAL B 64 22.62 22.68 4.85
CA VAL B 64 22.58 21.53 3.98
C VAL B 64 23.52 20.49 4.56
N ARG B 65 23.25 19.22 4.31
CA ARG B 65 24.15 18.17 4.76
C ARG B 65 23.64 16.82 4.26
N SER B 66 24.57 15.91 4.03
CA SER B 66 24.22 14.60 3.52
C SER B 66 24.70 13.51 4.46
N PHE B 67 24.00 12.39 4.47
CA PHE B 67 24.38 11.30 5.33
C PHE B 67 23.69 10.03 4.92
N ARG B 68 24.16 8.94 5.52
CA ARG B 68 23.65 7.63 5.21
C ARG B 68 23.13 7.03 6.49
N PRO B 69 21.80 7.14 6.72
CA PRO B 69 21.26 6.54 7.94
C PRO B 69 21.33 5.03 7.96
N ASP B 70 21.41 4.46 9.14
CA ASP B 70 21.46 3.02 9.34
C ASP B 70 20.10 2.54 9.86
N PHE B 71 19.31 3.49 10.34
CA PHE B 71 18.00 3.16 10.92
C PHE B 71 17.15 4.44 10.91
N VAL B 72 15.83 4.27 10.94
CA VAL B 72 14.96 5.45 10.91
C VAL B 72 13.82 5.30 11.91
N LEU B 73 13.53 6.37 12.62
CA LEU B 73 12.40 6.40 13.54
C LEU B 73 11.49 7.46 12.90
N ILE B 74 10.26 7.08 12.55
CA ILE B 74 9.35 8.01 11.92
C ILE B 74 8.24 8.43 12.88
N ARG B 75 8.15 9.72 13.16
CA ARG B 75 7.15 10.20 14.10
C ARG B 75 6.18 11.14 13.43
N GLN B 76 6.38 11.39 12.15
CA GLN B 76 5.52 12.32 11.40
C GLN B 76 4.63 11.57 10.41
N HIS B 77 3.42 12.10 10.15
CA HIS B 77 2.50 11.50 9.18
C HIS B 77 3.16 11.65 7.81
N ALA B 78 3.20 10.59 7.04
CA ALA B 78 3.86 10.67 5.76
C ALA B 78 2.91 11.01 4.63
N PHE B 79 1.61 11.04 4.93
CA PHE B 79 0.64 11.31 3.89
C PHE B 79 -0.29 12.49 4.20
N GLY B 80 -1.45 12.53 3.59
CA GLY B 80 -2.33 13.66 3.81
C GLY B 80 -2.59 14.30 2.45
N MET B 81 -3.79 14.86 2.26
CA MET B 81 -4.13 15.44 0.97
C MET B 81 -3.93 16.93 0.83
N ALA B 82 -3.76 17.63 1.95
CA ALA B 82 -3.55 19.07 1.88
C ALA B 82 -2.22 19.38 1.16
N GLU B 83 -1.99 20.63 0.85
CA GLU B 83 -0.77 21.09 0.17
C GLU B 83 0.48 20.56 0.89
N ASN B 84 1.50 20.18 0.10
CA ASN B 84 2.79 19.68 0.60
C ASN B 84 2.76 18.73 1.78
N GLU B 85 1.85 17.77 1.74
CA GLU B 85 1.72 16.78 2.82
C GLU B 85 1.97 15.36 2.34
N ASP B 86 2.19 15.18 1.04
CA ASP B 86 2.37 13.86 0.46
C ASP B 86 3.84 13.44 0.35
N PHE B 87 4.29 12.53 1.22
CA PHE B 87 5.69 12.09 1.18
C PHE B 87 5.82 10.59 0.93
N ARG B 88 4.85 10.04 0.20
CA ARG B 88 4.85 8.63 -0.09
C ARG B 88 6.13 8.31 -0.87
N HIS B 89 6.57 9.23 -1.73
CA HIS B 89 7.78 8.98 -2.51
C HIS B 89 9.02 8.75 -1.64
N LEU B 90 9.09 9.40 -0.49
CA LEU B 90 10.20 9.22 0.44
C LEU B 90 10.11 7.87 1.18
N VAL B 91 8.91 7.47 1.54
CA VAL B 91 8.70 6.17 2.20
C VAL B 91 9.10 5.05 1.22
N ILE B 92 8.70 5.19 -0.03
CA ILE B 92 9.06 4.19 -1.02
C ILE B 92 10.62 4.16 -1.14
N GLY B 93 11.24 5.35 -1.17
CA GLY B 93 12.70 5.41 -1.30
C GLY B 93 13.43 4.74 -0.13
N MET B 94 12.94 4.91 1.09
CA MET B 94 13.59 4.31 2.23
C MET B 94 13.46 2.78 2.17
N GLN B 95 12.30 2.28 1.74
CA GLN B 95 12.11 0.82 1.63
C GLN B 95 13.02 0.31 0.49
N TYR B 96 13.10 1.09 -0.57
CA TYR B 96 13.97 0.72 -1.71
C TYR B 96 15.43 0.63 -1.22
N ALA B 97 15.80 1.45 -0.25
CA ALA B 97 17.16 1.40 0.31
C ALA B 97 17.30 0.25 1.33
N GLY B 98 16.20 -0.39 1.68
CA GLY B 98 16.20 -1.47 2.66
C GLY B 98 16.42 -1.02 4.09
N LEU B 99 16.11 0.24 4.38
CA LEU B 99 16.28 0.78 5.73
C LEU B 99 15.44 0.18 6.84
N PRO B 100 16.07 -0.30 7.92
CA PRO B 100 15.22 -0.85 8.98
C PRO B 100 14.57 0.33 9.72
N SER B 101 13.39 0.11 10.31
CA SER B 101 12.72 1.22 10.98
C SER B 101 11.61 0.96 11.96
N ILE B 102 11.24 2.02 12.65
CA ILE B 102 10.13 1.94 13.58
C ILE B 102 9.18 3.08 13.17
N ASN B 103 7.92 2.78 12.83
CA ASN B 103 7.37 1.42 12.71
C ASN B 103 8.02 0.95 11.41
N SER B 104 7.76 -0.29 11.03
CA SER B 104 8.29 -0.82 9.78
C SER B 104 7.78 0.01 8.59
N LEU B 105 8.59 0.11 7.54
CA LEU B 105 8.18 0.87 6.36
C LEU B 105 6.94 0.22 5.71
N GLU B 106 6.84 -1.11 5.81
CA GLU B 106 5.71 -1.83 5.26
C GLU B 106 4.43 -1.28 5.91
N SER B 107 4.44 -1.15 7.25
CA SER B 107 3.24 -0.69 7.92
C SER B 107 2.93 0.76 7.64
N ILE B 108 3.95 1.58 7.60
CA ILE B 108 3.73 2.99 7.34
C ILE B 108 3.13 3.19 5.96
N TYR B 109 3.64 2.43 5.00
CA TYR B 109 3.11 2.57 3.64
C TYR B 109 1.61 2.19 3.59
N ASN B 110 1.27 1.12 4.29
CA ASN B 110 -0.10 0.67 4.32
C ASN B 110 -1.05 1.54 5.17
N PHE B 111 -0.50 2.49 5.94
CA PHE B 111 -1.36 3.40 6.68
C PHE B 111 -1.76 4.65 5.88
N CYS B 112 -1.36 4.71 4.60
CA CYS B 112 -1.70 5.84 3.76
C CYS B 112 -3.21 6.07 3.52
N ASP B 113 -3.97 4.99 3.38
CA ASP B 113 -5.42 5.12 3.13
C ASP B 113 -6.15 4.70 4.38
N LYS B 114 -6.84 5.64 5.02
CA LYS B 114 -7.49 5.27 6.26
C LYS B 114 -8.48 4.09 6.15
N PRO B 115 -9.31 4.05 5.13
CA PRO B 115 -10.25 2.94 4.99
C PRO B 115 -9.56 1.60 4.74
N TRP B 116 -8.31 1.65 4.26
CA TRP B 116 -7.55 0.38 4.08
C TRP B 116 -7.14 -0.14 5.47
N VAL B 117 -6.80 0.77 6.35
CA VAL B 117 -6.48 0.39 7.72
C VAL B 117 -7.78 -0.10 8.35
N PHE B 118 -8.85 0.64 8.09
CA PHE B 118 -10.14 0.22 8.74
C PHE B 118 -10.56 -1.18 8.27
N ALA B 119 -10.22 -1.50 7.02
CA ALA B 119 -10.53 -2.84 6.48
C ALA B 119 -9.86 -3.93 7.31
N GLN B 120 -8.65 -3.65 7.81
CA GLN B 120 -7.96 -4.60 8.68
C GLN B 120 -8.75 -4.70 10.02
N MET B 121 -9.31 -3.58 10.52
CA MET B 121 -10.12 -3.65 11.76
C MET B 121 -11.44 -4.43 11.51
N VAL B 122 -12.02 -4.30 10.33
CA VAL B 122 -13.24 -5.07 10.05
C VAL B 122 -12.90 -6.56 10.11
N ALA B 123 -11.73 -6.96 9.59
CA ALA B 123 -11.42 -8.39 9.61
C ALA B 123 -11.22 -8.89 11.05
N ILE B 124 -10.66 -8.03 11.90
CA ILE B 124 -10.50 -8.38 13.31
C ILE B 124 -11.90 -8.49 13.96
N PHE B 125 -12.75 -7.53 13.67
CA PHE B 125 -14.13 -7.51 14.19
C PHE B 125 -14.82 -8.86 13.80
N LYS B 126 -14.63 -9.32 12.55
CA LYS B 126 -15.25 -10.58 12.16
C LYS B 126 -14.68 -11.76 12.97
N THR B 127 -13.38 -11.76 13.22
CA THR B 127 -12.69 -12.81 13.99
C THR B 127 -13.06 -12.82 15.45
N LEU B 128 -13.07 -11.66 16.09
CA LEU B 128 -13.33 -11.62 17.51
C LEU B 128 -14.78 -11.40 17.93
N GLY B 129 -15.61 -10.79 17.08
CA GLY B 129 -16.98 -10.52 17.49
C GLY B 129 -17.03 -9.18 18.24
N GLY B 130 -18.19 -8.55 18.17
CA GLY B 130 -18.43 -7.24 18.77
C GLY B 130 -18.37 -7.17 20.29
N GLU B 131 -18.70 -8.27 20.95
CA GLU B 131 -18.66 -8.30 22.39
C GLU B 131 -17.21 -7.97 22.78
N LYS B 132 -16.24 -8.67 22.21
CA LYS B 132 -14.85 -8.37 22.53
C LYS B 132 -14.21 -7.18 21.75
N PHE B 133 -14.68 -6.90 20.54
CA PHE B 133 -14.06 -5.82 19.73
C PHE B 133 -15.23 -5.04 19.09
N PRO B 134 -15.78 -4.04 19.83
CA PRO B 134 -16.92 -3.22 19.39
C PRO B 134 -16.57 -2.19 18.35
N LEU B 135 -16.34 -2.66 17.13
CA LEU B 135 -16.02 -1.75 16.00
C LEU B 135 -17.26 -0.94 15.65
N ILE B 136 -17.10 0.35 15.46
CA ILE B 136 -18.22 1.21 15.06
C ILE B 136 -18.72 0.81 13.70
N GLU B 137 -20.01 0.99 13.48
CA GLU B 137 -20.54 0.68 12.17
C GLU B 137 -19.97 1.77 11.24
N GLN B 138 -19.72 1.43 9.99
CA GLN B 138 -19.16 2.44 9.06
C GLN B 138 -19.46 1.92 7.70
N THR B 139 -19.63 2.85 6.77
CA THR B 139 -19.88 2.53 5.38
C THR B 139 -18.74 3.19 4.59
N TYR B 140 -18.29 2.48 3.55
CA TYR B 140 -17.21 2.99 2.68
C TYR B 140 -17.83 3.23 1.30
N TYR B 141 -17.66 4.45 0.82
CA TYR B 141 -18.14 4.84 -0.47
C TYR B 141 -16.88 5.09 -1.37
N PRO B 142 -16.68 4.28 -2.43
CA PRO B 142 -15.53 4.44 -3.34
C PRO B 142 -15.52 5.80 -4.01
N ASN B 143 -16.71 6.34 -4.28
CA ASN B 143 -16.76 7.69 -4.81
C ASN B 143 -18.17 8.24 -4.49
N HIS B 144 -18.43 9.47 -4.94
CA HIS B 144 -19.72 10.13 -4.68
C HIS B 144 -20.97 9.41 -5.19
N ARG B 145 -20.86 8.66 -6.29
CA ARG B 145 -22.00 7.99 -6.90
C ARG B 145 -22.72 6.96 -6.04
N GLU B 146 -22.02 6.38 -5.09
CA GLU B 146 -22.61 5.39 -4.19
C GLU B 146 -23.25 6.06 -2.95
N MET B 147 -23.09 7.36 -2.80
CA MET B 147 -23.66 8.08 -1.67
C MET B 147 -25.17 8.30 -1.80
N LEU B 148 -25.77 7.71 -2.82
CA LEU B 148 -27.23 7.71 -2.91
C LEU B 148 -27.68 6.64 -1.87
N THR B 149 -26.80 5.75 -1.43
CA THR B 149 -27.17 4.75 -0.40
C THR B 149 -27.05 5.54 0.90
N LEU B 150 -28.18 5.88 1.54
CA LEU B 150 -28.10 6.69 2.76
C LEU B 150 -27.81 5.97 4.03
N PRO B 151 -27.06 6.61 4.94
CA PRO B 151 -26.80 5.96 6.23
C PRO B 151 -27.93 6.51 7.11
N THR B 152 -27.94 6.07 8.39
CA THR B 152 -28.89 6.55 9.40
C THR B 152 -28.23 7.80 9.99
N PHE B 153 -28.96 8.91 10.13
CA PHE B 153 -28.37 10.14 10.67
C PHE B 153 -28.55 10.30 12.19
N PRO B 154 -27.67 11.11 12.86
CA PRO B 154 -26.55 11.88 12.32
C PRO B 154 -25.32 11.00 12.08
N VAL B 155 -24.42 11.41 11.13
CA VAL B 155 -23.24 10.64 10.89
C VAL B 155 -22.05 11.59 10.85
N VAL B 156 -20.86 11.01 10.92
CA VAL B 156 -19.66 11.79 10.76
C VAL B 156 -19.15 11.26 9.39
N VAL B 157 -18.96 12.15 8.41
CA VAL B 157 -18.47 11.74 7.08
C VAL B 157 -17.00 12.15 7.05
N LYS B 158 -16.12 11.25 6.58
CA LYS B 158 -14.71 11.58 6.54
C LYS B 158 -14.35 11.45 5.07
N ILE B 159 -13.86 12.55 4.47
CA ILE B 159 -13.54 12.58 3.06
C ILE B 159 -12.04 12.33 2.89
N GLY B 160 -11.75 11.42 1.93
CA GLY B 160 -10.38 11.06 1.63
C GLY B 160 -9.49 10.66 2.78
N HIS B 161 -8.22 11.04 2.67
CA HIS B 161 -7.25 10.72 3.72
C HIS B 161 -6.57 11.97 4.25
N ALA B 162 -6.65 12.20 5.55
CA ALA B 162 -6.01 13.37 6.15
C ALA B 162 -6.13 13.30 7.66
N HIS B 163 -5.18 13.94 8.35
CA HIS B 163 -5.14 13.93 9.83
C HIS B 163 -5.59 15.23 10.44
N SER B 164 -5.60 15.25 11.77
CA SER B 164 -5.98 16.44 12.56
C SER B 164 -7.38 16.97 12.26
N GLY B 165 -8.34 16.06 12.17
CA GLY B 165 -9.72 16.47 11.88
C GLY B 165 -9.96 16.95 10.45
N MET B 166 -8.98 16.86 9.57
CA MET B 166 -9.19 17.34 8.22
C MET B 166 -10.12 16.46 7.41
N GLY B 167 -11.13 17.10 6.82
CA GLY B 167 -12.06 16.37 5.98
C GLY B 167 -13.19 15.68 6.73
N LYS B 168 -13.40 15.92 8.02
CA LYS B 168 -14.47 15.25 8.74
C LYS B 168 -15.61 16.28 8.92
N VAL B 169 -16.85 15.86 8.65
CA VAL B 169 -17.99 16.75 8.74
C VAL B 169 -19.14 16.02 9.41
N LYS B 170 -19.88 16.71 10.29
CA LYS B 170 -21.01 16.06 10.94
C LYS B 170 -22.23 16.35 10.09
N VAL B 171 -23.00 15.31 9.74
CA VAL B 171 -24.15 15.50 8.86
C VAL B 171 -25.40 15.00 9.59
N GLU B 172 -26.42 15.86 9.64
CA GLU B 172 -27.63 15.50 10.41
C GLU B 172 -28.88 15.19 9.62
N ASN B 173 -28.86 15.41 8.32
CA ASN B 173 -30.07 15.12 7.53
C ASN B 173 -29.71 14.89 6.07
N HIS B 174 -30.68 14.40 5.30
CA HIS B 174 -30.51 14.03 3.89
C HIS B 174 -30.05 15.14 2.97
N TYR B 175 -30.68 16.31 3.12
CA TYR B 175 -30.31 17.46 2.33
C TYR B 175 -28.82 17.82 2.48
N ASP B 176 -28.34 17.90 3.71
CA ASP B 176 -26.92 18.25 3.84
C ASP B 176 -26.03 17.08 3.40
N PHE B 177 -26.54 15.85 3.48
CA PHE B 177 -25.74 14.68 3.04
C PHE B 177 -25.59 14.79 1.52
N GLN B 178 -26.66 15.16 0.82
CA GLN B 178 -26.59 15.31 -0.64
C GLN B 178 -25.55 16.38 -1.00
N ASP B 179 -25.53 17.47 -0.21
CA ASP B 179 -24.54 18.53 -0.52
C ASP B 179 -23.10 18.04 -0.31
N ILE B 180 -22.88 17.29 0.74
CA ILE B 180 -21.56 16.75 1.04
C ILE B 180 -21.22 15.78 -0.06
N ALA B 181 -22.16 14.95 -0.51
CA ALA B 181 -21.82 14.05 -1.62
C ALA B 181 -21.33 14.82 -2.88
N SER B 182 -21.93 15.99 -3.15
CA SER B 182 -21.54 16.76 -4.35
C SER B 182 -20.12 17.30 -4.12
N VAL B 183 -19.73 17.49 -2.87
CA VAL B 183 -18.40 17.96 -2.62
C VAL B 183 -17.42 16.82 -2.78
N VAL B 184 -17.84 15.61 -2.40
CA VAL B 184 -16.99 14.44 -2.58
C VAL B 184 -16.80 14.25 -4.11
N ALA B 185 -17.80 14.60 -4.88
CA ALA B 185 -17.66 14.44 -6.33
C ALA B 185 -16.51 15.34 -6.85
N LEU B 186 -16.38 16.54 -6.25
CA LEU B 186 -15.36 17.53 -6.67
C LEU B 186 -13.97 17.10 -6.37
N THR B 187 -13.83 16.45 -5.24
CA THR B 187 -12.56 16.01 -4.78
C THR B 187 -12.10 14.72 -5.43
N GLN B 188 -12.98 14.11 -6.23
CA GLN B 188 -12.74 12.83 -6.87
C GLN B 188 -12.12 11.74 -5.93
N THR B 189 -12.47 11.69 -4.65
CA THR B 189 -11.92 10.67 -3.79
C THR B 189 -13.01 9.84 -3.11
N TYR B 190 -12.62 9.01 -2.15
CA TYR B 190 -13.60 8.16 -1.43
C TYR B 190 -14.06 8.87 -0.15
N ALA B 191 -15.02 8.27 0.54
CA ALA B 191 -15.50 8.86 1.79
C ALA B 191 -16.07 7.73 2.63
N THR B 192 -16.17 7.98 3.93
CA THR B 192 -16.77 6.98 4.87
C THR B 192 -17.82 7.75 5.68
N ALA B 193 -18.80 7.03 6.20
CA ALA B 193 -19.86 7.62 7.03
C ALA B 193 -20.04 6.63 8.17
N GLU B 194 -20.07 7.16 9.40
CA GLU B 194 -20.26 6.32 10.58
C GLU B 194 -21.22 7.09 11.50
N PRO B 195 -21.98 6.37 12.30
CA PRO B 195 -22.89 7.08 13.19
C PRO B 195 -22.13 8.10 14.08
N PHE B 196 -22.70 9.27 14.26
CA PHE B 196 -22.11 10.24 15.20
C PHE B 196 -22.57 9.76 16.64
N ILE B 197 -21.64 9.34 17.47
CA ILE B 197 -21.97 8.83 18.82
C ILE B 197 -22.13 9.99 19.81
N ASP B 198 -23.23 9.95 20.57
CA ASP B 198 -23.55 10.95 21.60
C ASP B 198 -22.79 10.38 22.77
N ALA B 199 -21.57 10.87 22.88
CA ALA B 199 -20.60 10.33 23.79
C ALA B 199 -20.50 10.82 25.23
N LYS B 200 -20.14 9.89 26.10
CA LYS B 200 -19.92 10.16 27.53
C LYS B 200 -18.40 10.36 27.72
N TYR B 201 -17.60 9.42 27.21
CA TYR B 201 -16.12 9.52 27.32
C TYR B 201 -15.39 9.15 26.01
N ASP B 202 -14.16 9.67 25.89
CA ASP B 202 -13.23 9.35 24.82
C ASP B 202 -12.26 8.35 25.47
N ILE B 203 -11.78 7.36 24.71
CA ILE B 203 -10.83 6.41 25.26
C ILE B 203 -9.69 6.22 24.24
N ARG B 204 -8.45 6.12 24.73
CA ARG B 204 -7.31 5.84 23.84
C ARG B 204 -6.49 4.75 24.55
N VAL B 205 -6.16 3.68 23.84
CA VAL B 205 -5.37 2.59 24.39
C VAL B 205 -4.15 2.59 23.54
N GLN B 206 -2.98 2.76 24.16
CA GLN B 206 -1.76 2.78 23.39
C GLN B 206 -0.81 1.66 23.75
N LYS B 207 0.02 1.34 22.78
CA LYS B 207 0.98 0.27 22.93
C LYS B 207 2.28 0.80 22.35
N ILE B 208 3.35 0.77 23.14
CA ILE B 208 4.67 1.20 22.67
C ILE B 208 5.53 0.02 23.07
N GLY B 209 5.94 -0.79 22.10
CA GLY B 209 6.72 -1.96 22.43
C GLY B 209 5.87 -2.84 23.30
N ASN B 210 6.35 -3.16 24.50
CA ASN B 210 5.55 -3.96 25.37
C ASN B 210 4.86 -3.19 26.50
N ASN B 211 4.85 -1.87 26.37
CA ASN B 211 4.22 -1.04 27.37
C ASN B 211 2.81 -0.63 26.90
N TYR B 212 1.84 -0.73 27.79
CA TYR B 212 0.46 -0.35 27.49
C TYR B 212 -0.04 0.75 28.43
N LYS B 213 -0.86 1.64 27.90
CA LYS B 213 -1.49 2.69 28.71
C LYS B 213 -2.89 2.96 28.13
N ALA B 214 -3.85 3.27 29.00
CA ALA B 214 -5.20 3.60 28.58
C ALA B 214 -5.52 4.93 29.21
N TYR B 215 -6.09 5.84 28.42
CA TYR B 215 -6.45 7.17 28.88
C TYR B 215 -7.93 7.40 28.57
N MET B 216 -8.60 8.11 29.46
CA MET B 216 -10.01 8.42 29.25
C MET B 216 -10.27 9.87 29.62
N ARG B 217 -11.37 10.43 29.14
CA ARG B 217 -11.72 11.82 29.52
C ARG B 217 -13.16 12.04 29.12
N THR B 218 -13.79 13.02 29.76
CA THR B 218 -15.17 13.33 29.42
C THR B 218 -15.15 13.69 27.94
N SER B 219 -16.14 13.23 27.18
CA SER B 219 -16.16 13.52 25.72
C SER B 219 -17.03 14.71 25.42
N ILE B 220 -16.51 15.68 24.70
CA ILE B 220 -17.43 16.75 24.40
C ILE B 220 -17.99 16.53 22.99
N SER B 221 -17.14 16.21 21.99
CA SER B 221 -17.68 15.99 20.62
C SER B 221 -17.58 14.56 20.03
N GLY B 222 -17.42 13.56 20.89
CA GLY B 222 -17.38 12.20 20.43
C GLY B 222 -16.40 11.86 19.32
N ASN B 223 -16.88 11.11 18.32
CA ASN B 223 -16.03 10.69 17.20
C ASN B 223 -16.03 11.68 16.04
N TRP B 224 -16.64 12.85 16.24
CA TRP B 224 -16.68 13.92 15.24
C TRP B 224 -15.36 14.70 15.30
N LYS B 225 -15.04 15.16 16.50
CA LYS B 225 -13.81 15.93 16.76
C LYS B 225 -13.43 15.99 18.25
N THR B 226 -12.32 16.68 18.48
CA THR B 226 -11.77 16.97 19.80
C THR B 226 -11.92 18.49 19.73
N ASN B 227 -12.70 19.13 20.61
CA ASN B 227 -12.89 20.59 20.52
C ASN B 227 -12.11 21.38 21.58
N THR B 228 -11.26 22.31 21.15
CA THR B 228 -10.45 23.13 22.05
C THR B 228 -10.07 22.39 23.33
N GLY B 229 -8.88 21.79 23.33
CA GLY B 229 -8.37 21.03 24.47
C GLY B 229 -8.94 21.30 25.85
N SER B 230 -10.24 21.09 26.01
CA SER B 230 -10.91 21.33 27.28
C SER B 230 -10.35 20.41 28.35
N ALA B 231 -10.52 19.10 28.19
CA ALA B 231 -10.00 18.16 29.17
C ALA B 231 -8.82 17.38 28.61
N MET B 232 -7.79 17.22 29.43
CA MET B 232 -6.60 16.49 29.03
C MET B 232 -6.95 15.03 29.23
N LEU B 233 -6.30 14.17 28.45
CA LEU B 233 -6.53 12.74 28.54
C LEU B 233 -5.82 12.27 29.82
N GLU B 234 -6.53 11.56 30.69
CA GLU B 234 -5.96 11.08 31.94
C GLU B 234 -5.83 9.56 31.98
N GLN B 235 -4.67 9.08 32.38
CA GLN B 235 -4.48 7.63 32.44
C GLN B 235 -5.45 6.92 33.36
N ILE B 236 -5.96 5.75 32.94
CA ILE B 236 -6.86 4.95 33.79
C ILE B 236 -6.28 3.54 33.83
N ALA B 237 -6.93 2.64 34.56
CA ALA B 237 -6.42 1.28 34.64
C ALA B 237 -6.46 0.57 33.31
N MET B 238 -5.48 -0.28 33.07
CA MET B 238 -5.48 -1.07 31.85
C MET B 238 -6.38 -2.24 32.20
N SER B 239 -7.23 -2.64 31.28
CA SER B 239 -8.11 -3.77 31.53
C SER B 239 -7.71 -4.83 30.53
N ASP B 240 -8.21 -6.04 30.73
CA ASP B 240 -7.90 -7.08 29.78
C ASP B 240 -8.68 -6.81 28.50
N ARG B 241 -9.84 -6.15 28.64
CA ARG B 241 -10.69 -5.81 27.51
C ARG B 241 -9.93 -4.86 26.57
N TYR B 242 -9.41 -3.78 27.14
CA TYR B 242 -8.66 -2.80 26.38
C TYR B 242 -7.38 -3.32 25.76
N LYS B 243 -6.73 -4.22 26.47
CA LYS B 243 -5.48 -4.78 25.99
C LYS B 243 -5.69 -5.60 24.73
N LEU B 244 -6.79 -6.35 24.69
CA LEU B 244 -7.10 -7.18 23.52
C LEU B 244 -7.30 -6.27 22.32
N TRP B 245 -8.02 -5.16 22.50
CA TRP B 245 -8.24 -4.22 21.38
C TRP B 245 -6.91 -3.81 20.73
N VAL B 246 -5.98 -3.29 21.54
CA VAL B 246 -4.75 -2.81 20.94
C VAL B 246 -3.81 -3.96 20.53
N ASP B 247 -3.83 -5.08 21.25
CA ASP B 247 -2.95 -6.17 20.80
C ASP B 247 -3.41 -6.67 19.45
N ALA B 248 -4.72 -6.83 19.29
CA ALA B 248 -5.24 -7.33 18.00
C ALA B 248 -4.89 -6.35 16.86
N CYS B 249 -5.08 -5.04 17.08
CA CYS B 249 -4.78 -4.07 16.01
C CYS B 249 -3.27 -3.99 15.72
N SER B 250 -2.44 -4.19 16.74
CA SER B 250 -1.00 -4.12 16.54
C SER B 250 -0.46 -5.24 15.66
N GLU B 251 -1.24 -6.25 15.35
CA GLU B 251 -0.77 -7.36 14.47
C GLU B 251 -0.87 -7.06 12.98
N MET B 252 -1.57 -6.00 12.61
CA MET B 252 -1.73 -5.76 11.20
C MET B 252 -0.45 -5.27 10.49
N PHE B 253 -0.45 -5.48 9.18
CA PHE B 253 0.62 -5.14 8.24
C PHE B 253 2.00 -5.61 8.73
N GLY B 254 2.02 -6.82 9.27
CA GLY B 254 3.29 -7.39 9.72
C GLY B 254 3.67 -7.03 11.14
N GLY B 255 2.85 -6.18 11.78
CA GLY B 255 3.11 -5.79 13.16
C GLY B 255 3.49 -4.32 13.33
N LEU B 256 2.83 -3.65 14.27
CA LEU B 256 3.03 -2.24 14.56
C LEU B 256 3.72 -2.16 15.92
N ASP B 257 4.91 -1.58 15.97
CA ASP B 257 5.65 -1.42 17.24
C ASP B 257 5.05 -0.34 18.14
N ILE B 258 4.54 0.71 17.50
CA ILE B 258 3.89 1.82 18.19
C ILE B 258 2.48 1.96 17.59
N CYS B 259 1.43 1.91 18.40
CA CYS B 259 0.11 2.18 17.85
C CYS B 259 -0.89 2.49 18.96
N ALA B 260 -2.06 2.95 18.55
CA ALA B 260 -3.08 3.30 19.51
C ALA B 260 -4.46 3.10 18.89
N VAL B 261 -5.43 2.69 19.70
CA VAL B 261 -6.83 2.49 19.26
C VAL B 261 -7.63 3.62 19.92
N LYS B 262 -8.52 4.28 19.17
CA LYS B 262 -9.40 5.32 19.72
C LYS B 262 -10.82 4.80 19.75
N ALA B 263 -11.52 5.06 20.85
CA ALA B 263 -12.89 4.62 20.92
C ALA B 263 -13.68 5.66 21.70
N VAL B 264 -15.00 5.58 21.59
CA VAL B 264 -15.84 6.49 22.38
C VAL B 264 -16.78 5.62 23.17
N HIS B 265 -17.08 6.04 24.41
CA HIS B 265 -18.04 5.28 25.23
C HIS B 265 -19.28 6.17 25.14
N GLY B 266 -20.39 5.61 24.67
CA GLY B 266 -21.58 6.42 24.53
C GLY B 266 -22.42 6.54 25.78
N LYS B 267 -23.29 7.54 25.78
CA LYS B 267 -24.20 7.69 26.91
C LYS B 267 -25.06 6.42 26.92
N ASP B 268 -25.04 5.63 25.85
CA ASP B 268 -25.82 4.43 25.87
C ASP B 268 -25.09 3.29 26.59
N GLY B 269 -23.97 3.57 27.22
CA GLY B 269 -23.30 2.49 27.92
C GLY B 269 -22.45 1.55 27.06
N LYS B 270 -22.36 1.82 25.75
CA LYS B 270 -21.55 0.95 24.84
C LYS B 270 -20.23 1.63 24.34
N ASP B 271 -19.22 0.81 24.01
CA ASP B 271 -17.94 1.31 23.48
C ASP B 271 -18.03 1.22 21.94
N TYR B 272 -17.36 2.13 21.22
CA TYR B 272 -17.35 2.15 19.77
C TYR B 272 -15.89 2.44 19.34
N ILE B 273 -15.20 1.44 18.79
CA ILE B 273 -13.82 1.64 18.34
C ILE B 273 -13.91 2.29 16.95
N PHE B 274 -13.21 3.39 16.72
CA PHE B 274 -13.36 4.00 15.41
C PHE B 274 -12.10 4.35 14.67
N GLU B 275 -10.91 4.18 15.30
CA GLU B 275 -9.69 4.53 14.60
C GLU B 275 -8.47 3.86 15.21
N VAL B 276 -7.45 3.57 14.39
CA VAL B 276 -6.19 3.03 14.90
C VAL B 276 -5.12 3.98 14.36
N MET B 277 -4.21 4.39 15.23
CA MET B 277 -3.10 5.29 14.90
C MET B 277 -1.79 4.51 14.93
N ASP B 278 -0.82 4.89 14.11
CA ASP B 278 0.42 4.14 14.09
C ASP B 278 1.54 4.95 14.76
N CYS B 279 2.77 4.85 14.25
CA CYS B 279 3.89 5.56 14.89
C CYS B 279 3.85 7.09 14.80
N SER B 280 2.91 7.66 14.07
CA SER B 280 2.84 9.10 14.02
C SER B 280 1.81 9.60 15.06
N MET B 281 1.37 8.71 15.95
CA MET B 281 0.38 9.09 16.97
C MET B 281 0.98 10.15 17.91
N PRO B 282 0.23 11.23 18.16
CA PRO B 282 0.80 12.24 19.05
C PRO B 282 0.89 11.69 20.48
N LEU B 283 1.84 12.20 21.24
CA LEU B 283 1.99 11.77 22.63
C LEU B 283 1.10 12.68 23.46
N ILE B 284 0.40 12.09 24.41
CA ILE B 284 -0.51 12.88 25.21
C ILE B 284 -0.24 12.77 26.69
N GLY B 285 -0.90 13.64 27.46
CA GLY B 285 -0.79 13.62 28.90
C GLY B 285 0.51 14.02 29.57
N GLU B 286 0.59 13.61 30.84
CA GLU B 286 1.73 13.89 31.70
C GLU B 286 2.83 12.84 31.54
N HIS B 287 2.82 12.10 30.45
CA HIS B 287 3.85 11.08 30.30
C HIS B 287 4.56 11.10 28.96
N GLN B 288 4.48 12.22 28.25
CA GLN B 288 5.16 12.33 26.97
C GLN B 288 6.62 12.00 27.22
N VAL B 289 7.20 12.68 28.21
CA VAL B 289 8.58 12.44 28.54
C VAL B 289 8.83 10.94 28.68
N GLU B 290 8.05 10.28 29.53
CA GLU B 290 8.20 8.84 29.73
C GLU B 290 7.93 8.00 28.48
N ASP B 291 7.02 8.45 27.62
CA ASP B 291 6.75 7.69 26.42
C ASP B 291 7.87 7.87 25.43
N ARG B 292 8.44 9.08 25.33
CA ARG B 292 9.57 9.26 24.40
C ARG B 292 10.72 8.35 24.86
N GLN B 293 10.76 8.12 26.17
CA GLN B 293 11.77 7.26 26.79
C GLN B 293 11.59 5.81 26.35
N LEU B 294 10.33 5.36 26.35
CA LEU B 294 9.98 4.01 25.93
C LEU B 294 10.26 3.85 24.44
N ILE B 295 9.98 4.90 23.66
CA ILE B 295 10.24 4.81 22.23
C ILE B 295 11.76 4.70 22.07
N THR B 296 12.50 5.53 22.81
CA THR B 296 13.98 5.47 22.69
C THR B 296 14.50 4.07 22.96
N ASP B 297 14.05 3.42 24.04
CA ASP B 297 14.50 2.06 24.34
C ASP B 297 14.11 1.08 23.25
N LEU B 298 12.92 1.26 22.70
CA LEU B 298 12.48 0.38 21.64
C LEU B 298 13.41 0.46 20.43
N VAL B 299 13.77 1.70 20.07
CA VAL B 299 14.66 1.93 18.94
C VAL B 299 16.03 1.28 19.18
N ILE B 300 16.56 1.40 20.40
CA ILE B 300 17.88 0.83 20.69
C ILE B 300 17.79 -0.70 20.58
N SER B 301 16.73 -1.27 21.13
CA SER B 301 16.48 -2.71 21.07
C SER B 301 16.49 -3.18 19.61
N LYS B 302 15.75 -2.48 18.76
CA LYS B 302 15.69 -2.85 17.35
C LYS B 302 17.03 -2.63 16.62
N MET B 303 17.73 -1.53 16.90
CA MET B 303 18.99 -1.35 16.20
C MET B 303 19.95 -2.49 16.56
N ASN B 304 19.87 -2.95 17.80
CA ASN B 304 20.75 -4.05 18.24
C ASN B 304 20.37 -5.35 17.57
N GLN B 305 19.06 -5.56 17.42
CA GLN B 305 18.59 -6.77 16.79
C GLN B 305 18.96 -6.81 15.32
N LEU B 306 18.53 -5.81 14.58
CA LEU B 306 18.74 -5.78 13.13
C LEU B 306 20.08 -5.32 12.56
N LEU B 307 20.85 -4.53 13.31
CA LEU B 307 22.10 -4.03 12.76
C LEU B 307 23.35 -4.86 13.01
N SER B 308 24.41 -4.54 12.27
CA SER B 308 25.69 -5.26 12.37
C SER B 308 26.85 -4.53 11.68
#